data_3RTC
#
_entry.id   3RTC
#
_cell.length_a   122.399
_cell.length_b   122.399
_cell.length_c   155.122
_cell.angle_alpha   90.000
_cell.angle_beta   90.000
_cell.angle_gamma   90.000
#
_symmetry.space_group_name_H-M   'I 4 2 2'
#
loop_
_entity.id
_entity.type
_entity.pdbx_description
1 polymer 'Putative uncharacterized protein'
2 polymer 'Unknown peptide, probably from expression host'
3 non-polymer 'POTASSIUM ION'
4 non-polymer 'MAGNESIUM ION'
5 non-polymer NICOTINAMIDE-ADENINE-DINUCLEOTIDE
6 non-polymer "ADENOSINE-5'-TRIPHOSPHATE"
7 water water
#
loop_
_entity_poly.entity_id
_entity_poly.type
_entity_poly.pdbx_seq_one_letter_code
_entity_poly.pdbx_strand_id
1 'polypeptide(L)'
;MGSDKIHHHHHHMKEIDELTIKEYGVDSRILMERAGISVVLAMEEELGNLSDYRFLVLCGGGNNGGDGFVVARNLLGVVK
DVLVVFLGKKKTPDCEYNYGLYKKFGGKVVEQFEPSILNEFDVVVDAIFGTGLRGEITGEYAEIINLVNKSGKVVVSVDV
PSGIDSNTGKVLRTAVKADLTVTFGVPKIGHILFPGRDLTGKLKVANIGHPVHLINSINRYVITREMVRSLLPERPRDSH
KGTYGKVLIIAGSRLYSGAPVLSGMGSLKVGTGLVKLAVPFPQNLIATSRFPELISVPIDTEKGFFSLQNLQECLELSKD
VDVVAIGPGLGNNEHVREFVNEFLKTLEKPAVIDADAINVLDTSVLKERKSPAVLTPHPGEMARLVKKTVGDVKYNYELA
EEFAKENDCVLVLKSATTIVTDGEKTLFNITGNTGLSKGGSGDVLTGMIAGFIAQGLSPLEASTVSVYLHGFAAELFEQD
ERGLTASELLRLIPEAIRRLKE
;
A
2 'polypeptide(L)' APAWLFEA B
#
# COMPACT_ATOMS: atom_id res chain seq x y z
N MET A 13 9.29 15.43 -5.18
CA MET A 13 10.55 15.26 -4.41
C MET A 13 11.74 15.81 -5.18
N LYS A 14 11.72 15.66 -6.51
CA LYS A 14 12.70 16.33 -7.35
C LYS A 14 12.50 17.85 -7.20
N GLU A 15 11.22 18.25 -7.07
CA GLU A 15 10.82 19.62 -6.79
C GLU A 15 11.29 20.01 -5.42
N ILE A 16 11.27 19.06 -4.49
CA ILE A 16 11.68 19.32 -3.11
C ILE A 16 13.19 19.54 -2.99
N ASP A 17 13.98 18.70 -3.67
CA ASP A 17 15.40 18.97 -3.80
C ASP A 17 15.65 20.37 -4.38
N GLU A 18 14.99 20.68 -5.51
CA GLU A 18 15.25 21.95 -6.20
C GLU A 18 14.97 23.15 -5.32
N LEU A 19 13.83 23.12 -4.61
CA LEU A 19 13.42 24.23 -3.81
C LEU A 19 14.41 24.39 -2.63
N THR A 20 14.78 23.26 -1.99
CA THR A 20 15.72 23.25 -0.86
C THR A 20 17.06 23.91 -1.33
N ILE A 21 17.54 23.59 -2.54
CA ILE A 21 18.75 24.26 -3.06
C ILE A 21 18.49 25.71 -3.48
N LYS A 22 17.65 25.90 -4.48
CA LYS A 22 17.50 27.20 -5.11
C LYS A 22 16.81 28.26 -4.23
N GLU A 23 15.87 27.87 -3.38
CA GLU A 23 15.17 28.90 -2.60
C GLU A 23 15.55 28.91 -1.12
N TYR A 24 15.80 27.78 -0.51
CA TYR A 24 16.27 27.76 0.90
C TYR A 24 17.78 28.00 0.96
N GLY A 25 18.49 27.68 -0.10
CA GLY A 25 19.92 28.03 -0.20
C GLY A 25 20.84 26.96 0.35
N VAL A 26 20.32 25.75 0.54
CA VAL A 26 21.19 24.62 0.94
C VAL A 26 22.03 24.22 -0.24
N ASP A 27 23.35 24.28 -0.10
CA ASP A 27 24.26 23.83 -1.15
C ASP A 27 23.93 22.39 -1.56
N SER A 28 23.88 22.12 -2.87
CA SER A 28 23.60 20.76 -3.35
C SER A 28 24.62 19.75 -2.80
N ARG A 29 25.85 20.17 -2.56
CA ARG A 29 26.85 19.26 -2.01
C ARG A 29 26.58 18.78 -0.56
N ILE A 30 25.97 19.65 0.22
CA ILE A 30 25.54 19.39 1.59
C ILE A 30 24.46 18.33 1.60
N LEU A 31 23.49 18.42 0.68
CA LEU A 31 22.46 17.41 0.55
C LEU A 31 23.06 16.05 0.19
N MET A 32 24.01 16.06 -0.73
CA MET A 32 24.68 14.87 -1.17
C MET A 32 25.55 14.24 -0.02
N GLU A 33 26.24 15.06 0.75
CA GLU A 33 26.98 14.54 1.91
C GLU A 33 26.02 13.88 2.92
N ARG A 34 24.96 14.60 3.28
CA ARG A 34 23.94 14.06 4.15
C ARG A 34 23.37 12.73 3.64
N ALA A 35 23.12 12.59 2.32
CA ALA A 35 22.60 11.37 1.74
C ALA A 35 23.58 10.25 1.94
N GLY A 36 24.82 10.49 1.55
CA GLY A 36 25.83 9.45 1.69
C GLY A 36 26.07 8.96 3.11
N ILE A 37 26.22 9.87 4.06
CA ILE A 37 26.42 9.46 5.44
C ILE A 37 25.20 8.71 6.00
N SER A 38 24.01 9.05 5.57
CA SER A 38 22.83 8.37 6.10
C SER A 38 22.88 6.88 5.63
N VAL A 39 23.44 6.64 4.45
CA VAL A 39 23.62 5.27 3.94
C VAL A 39 24.61 4.49 4.82
N VAL A 40 25.70 5.13 5.23
CA VAL A 40 26.70 4.51 6.06
C VAL A 40 26.09 4.15 7.40
N LEU A 41 25.39 5.10 8.02
CA LEU A 41 24.74 4.85 9.32
C LEU A 41 23.68 3.74 9.29
N ALA A 42 22.93 3.71 8.21
CA ALA A 42 21.92 2.69 7.98
C ALA A 42 22.56 1.31 7.89
N MET A 43 23.69 1.21 7.19
CA MET A 43 24.37 -0.05 7.01
C MET A 43 24.92 -0.56 8.34
N GLU A 44 25.42 0.38 9.14
CA GLU A 44 25.93 0.02 10.47
C GLU A 44 24.85 -0.52 11.43
N GLU A 45 23.71 0.15 11.45
CA GLU A 45 22.48 -0.26 12.13
C GLU A 45 22.03 -1.67 11.69
N GLU A 46 22.18 -1.98 10.41
CA GLU A 46 21.78 -3.28 9.88
C GLU A 46 22.89 -4.35 9.97
N LEU A 47 24.15 -3.98 9.77
CA LEU A 47 25.22 -4.97 9.75
C LEU A 47 26.06 -5.04 11.03
N GLY A 48 25.84 -4.12 11.96
CA GLY A 48 26.71 -3.99 13.11
C GLY A 48 27.97 -3.29 12.64
N ASN A 49 29.05 -3.48 13.37
CA ASN A 49 30.34 -2.87 13.05
C ASN A 49 30.78 -3.13 11.61
N LEU A 50 31.10 -2.07 10.87
CA LEU A 50 31.45 -2.21 9.46
C LEU A 50 32.93 -2.57 9.22
N SER A 51 33.73 -2.62 10.26
CA SER A 51 35.15 -2.55 10.04
C SER A 51 35.74 -3.84 9.45
N ASP A 52 35.04 -4.96 9.58
CA ASP A 52 35.51 -6.21 8.99
C ASP A 52 35.06 -6.45 7.55
N TYR A 53 34.16 -5.65 7.00
CA TYR A 53 33.59 -5.94 5.69
C TYR A 53 34.35 -5.25 4.55
N ARG A 54 34.32 -5.89 3.39
CA ARG A 54 34.85 -5.33 2.17
C ARG A 54 33.69 -4.83 1.31
N PHE A 55 33.78 -3.59 0.83
CA PHE A 55 32.68 -2.94 0.09
C PHE A 55 33.00 -2.66 -1.38
N LEU A 56 32.10 -3.10 -2.25
CA LEU A 56 32.10 -2.78 -3.68
C LEU A 56 30.97 -1.80 -3.93
N VAL A 57 31.33 -0.60 -4.39
CA VAL A 57 30.40 0.48 -4.58
C VAL A 57 30.31 0.71 -6.08
N LEU A 58 29.10 0.56 -6.60
CA LEU A 58 28.82 0.64 -8.02
C LEU A 58 28.17 1.98 -8.27
N CYS A 59 28.86 2.84 -9.02
CA CYS A 59 28.48 4.24 -9.21
C CYS A 59 28.20 4.55 -10.67
N GLY A 60 27.00 5.09 -10.91
CA GLY A 60 26.67 5.67 -12.18
C GLY A 60 27.23 7.09 -12.23
N GLY A 61 27.00 7.70 -13.38
CA GLY A 61 27.46 9.03 -13.65
C GLY A 61 26.58 10.14 -13.15
N GLY A 62 25.44 9.79 -12.56
CA GLY A 62 24.50 10.76 -12.02
C GLY A 62 24.70 11.07 -10.55
N ASN A 63 23.72 11.76 -9.97
CA ASN A 63 23.80 12.13 -8.57
C ASN A 63 23.58 10.91 -7.64
N ASN A 64 22.95 9.85 -8.17
CA ASN A 64 22.86 8.65 -7.40
C ASN A 64 24.31 8.17 -7.20
N GLY A 65 25.07 8.17 -8.29
CA GLY A 65 26.44 7.74 -8.21
C GLY A 65 27.25 8.68 -7.33
N GLY A 66 26.91 9.97 -7.36
CA GLY A 66 27.60 10.93 -6.48
C GLY A 66 27.37 10.57 -5.02
N ASP A 67 26.14 10.17 -4.69
CA ASP A 67 25.79 9.70 -3.34
C ASP A 67 26.69 8.51 -3.01
N GLY A 68 26.89 7.65 -4.00
CA GLY A 68 27.76 6.50 -3.88
C GLY A 68 29.21 6.86 -3.57
N PHE A 69 29.76 7.86 -4.25
CA PHE A 69 31.10 8.33 -3.97
C PHE A 69 31.21 8.87 -2.55
N VAL A 70 30.17 9.52 -2.05
CA VAL A 70 30.19 9.96 -0.62
C VAL A 70 30.26 8.75 0.32
N VAL A 71 29.47 7.71 0.02
CA VAL A 71 29.51 6.47 0.79
C VAL A 71 30.95 5.91 0.79
N ALA A 72 31.51 5.76 -0.41
CA ALA A 72 32.81 5.15 -0.58
C ALA A 72 33.84 5.95 0.20
N ARG A 73 33.86 7.26 0.01
CA ARG A 73 34.87 8.05 0.67
C ARG A 73 34.77 7.96 2.20
N ASN A 74 33.57 7.95 2.74
CA ASN A 74 33.36 7.84 4.20
C ASN A 74 33.69 6.49 4.82
N LEU A 75 33.79 5.43 3.99
CA LEU A 75 34.26 4.12 4.46
C LEU A 75 35.81 3.99 4.43
N LEU A 76 36.49 4.82 3.64
CA LEU A 76 37.94 4.74 3.53
C LEU A 76 38.61 4.83 4.90
N GLY A 77 39.55 3.91 5.12
CA GLY A 77 40.28 3.84 6.35
C GLY A 77 39.53 3.21 7.50
N VAL A 78 38.23 2.98 7.35
CA VAL A 78 37.43 2.50 8.45
C VAL A 78 36.97 1.04 8.26
N VAL A 79 36.95 0.57 7.04
CA VAL A 79 36.56 -0.80 6.76
C VAL A 79 37.75 -1.48 6.10
N LYS A 80 37.62 -2.78 5.86
CA LYS A 80 38.69 -3.58 5.37
C LYS A 80 39.13 -3.24 3.94
N ASP A 81 38.19 -2.95 3.06
CA ASP A 81 38.52 -2.60 1.70
C ASP A 81 37.30 -1.91 1.08
N VAL A 82 37.56 -0.89 0.28
CA VAL A 82 36.55 -0.26 -0.56
C VAL A 82 37.07 -0.25 -1.98
N LEU A 83 36.25 -0.62 -2.94
CA LEU A 83 36.53 -0.36 -4.35
C LEU A 83 35.31 0.27 -5.00
N VAL A 84 35.49 1.33 -5.80
CA VAL A 84 34.41 1.85 -6.61
C VAL A 84 34.58 1.34 -8.06
N VAL A 85 33.51 0.80 -8.63
CA VAL A 85 33.42 0.60 -10.09
C VAL A 85 32.55 1.72 -10.67
N PHE A 86 33.15 2.59 -11.47
CA PHE A 86 32.42 3.69 -12.03
C PHE A 86 31.94 3.25 -13.42
N LEU A 87 30.61 3.23 -13.62
CA LEU A 87 30.01 2.60 -14.77
C LEU A 87 29.46 3.63 -15.74
N GLY A 88 29.51 4.90 -15.38
CA GLY A 88 28.97 5.93 -16.25
C GLY A 88 29.92 6.41 -17.32
N LYS A 89 29.45 7.39 -18.09
CA LYS A 89 30.23 8.00 -19.16
C LYS A 89 30.79 9.33 -18.73
N LYS A 90 29.93 10.16 -18.14
CA LYS A 90 30.29 11.50 -17.71
C LYS A 90 29.70 11.62 -16.32
N LYS A 91 30.10 12.66 -15.61
CA LYS A 91 29.69 12.83 -14.26
C LYS A 91 28.97 14.14 -14.14
N THR A 92 27.89 14.19 -13.39
CA THR A 92 27.30 15.47 -13.04
C THR A 92 28.26 16.24 -12.09
N PRO A 93 28.02 17.53 -11.88
CA PRO A 93 28.96 18.35 -11.10
C PRO A 93 29.16 17.77 -9.69
N ASP A 94 28.09 17.36 -9.05
CA ASP A 94 28.22 16.85 -7.67
C ASP A 94 28.85 15.50 -7.68
N CYS A 95 28.56 14.67 -8.70
CA CYS A 95 29.22 13.37 -8.80
C CYS A 95 30.72 13.57 -9.03
N GLU A 96 31.06 14.54 -9.89
CA GLU A 96 32.44 14.81 -10.20
C GLU A 96 33.20 15.29 -8.94
N TYR A 97 32.59 16.20 -8.19
CA TYR A 97 33.18 16.77 -6.97
C TYR A 97 33.46 15.66 -5.98
N ASN A 98 32.48 14.75 -5.83
CA ASN A 98 32.62 13.68 -4.85
C ASN A 98 33.54 12.52 -5.26
N TYR A 99 33.59 12.24 -6.57
CA TYR A 99 34.65 11.40 -7.19
C TYR A 99 36.01 11.99 -6.89
N GLY A 100 36.15 13.29 -7.14
CA GLY A 100 37.39 14.02 -6.83
C GLY A 100 37.77 13.87 -5.36
N LEU A 101 36.80 14.00 -4.44
CA LEU A 101 37.14 13.80 -2.99
C LEU A 101 37.59 12.37 -2.65
N TYR A 102 36.85 11.42 -3.19
CA TYR A 102 37.14 10.00 -3.00
C TYR A 102 38.57 9.73 -3.41
N LYS A 103 38.93 10.17 -4.59
CA LYS A 103 40.32 9.96 -5.06
C LYS A 103 41.37 10.73 -4.23
N LYS A 104 41.06 11.96 -3.79
CA LYS A 104 42.03 12.73 -2.99
C LYS A 104 42.25 12.04 -1.64
N PHE A 105 41.18 11.35 -1.16
CA PHE A 105 41.25 10.64 0.11
C PHE A 105 41.99 9.30 0.00
N GLY A 106 42.43 8.92 -1.19
CA GLY A 106 43.16 7.65 -1.40
C GLY A 106 42.30 6.51 -1.96
N GLY A 107 41.16 6.83 -2.50
CA GLY A 107 40.23 5.78 -2.97
C GLY A 107 40.57 5.19 -4.33
N LYS A 108 40.23 3.92 -4.54
CA LYS A 108 40.49 3.22 -5.81
C LYS A 108 39.21 3.16 -6.62
N VAL A 109 39.28 3.65 -7.86
CA VAL A 109 38.18 3.54 -8.80
C VAL A 109 38.64 2.69 -9.93
N VAL A 110 37.77 1.86 -10.48
CA VAL A 110 38.06 1.22 -11.77
C VAL A 110 36.84 1.47 -12.63
N GLU A 111 37.01 1.40 -13.95
CA GLU A 111 35.91 1.62 -14.89
C GLU A 111 35.49 0.38 -15.63
N GLN A 112 36.23 -0.70 -15.47
CA GLN A 112 35.86 -1.99 -16.02
C GLN A 112 35.74 -2.99 -14.87
N PHE A 113 34.93 -4.02 -15.06
CA PHE A 113 34.87 -5.11 -14.10
C PHE A 113 34.83 -6.43 -14.84
N GLU A 114 35.31 -7.47 -14.17
CA GLU A 114 35.10 -8.82 -14.62
C GLU A 114 34.09 -9.48 -13.67
N PRO A 115 33.35 -10.50 -14.15
CA PRO A 115 32.39 -11.25 -13.33
C PRO A 115 32.95 -11.65 -11.97
N SER A 116 34.22 -12.02 -11.95
CA SER A 116 34.94 -12.42 -10.73
C SER A 116 35.12 -11.34 -9.65
N ILE A 117 34.80 -10.08 -9.95
CA ILE A 117 35.10 -9.02 -8.98
C ILE A 117 34.31 -9.20 -7.70
N LEU A 118 33.08 -9.66 -7.81
CA LEU A 118 32.23 -9.91 -6.65
C LEU A 118 32.89 -10.81 -5.61
N ASN A 119 33.73 -11.74 -6.06
CA ASN A 119 34.50 -12.63 -5.19
C ASN A 119 35.12 -11.99 -3.97
N GLU A 120 35.94 -10.96 -4.17
CA GLU A 120 36.69 -10.38 -3.05
C GLU A 120 35.93 -9.34 -2.24
N PHE A 121 34.59 -9.37 -2.25
CA PHE A 121 33.80 -8.36 -1.55
C PHE A 121 32.61 -8.96 -0.81
N ASP A 122 32.18 -8.30 0.24
CA ASP A 122 31.13 -8.82 1.09
C ASP A 122 29.83 -8.06 0.92
N VAL A 123 29.96 -6.76 0.67
CA VAL A 123 28.83 -5.88 0.55
C VAL A 123 28.93 -5.14 -0.77
N VAL A 124 27.84 -5.13 -1.52
CA VAL A 124 27.65 -4.31 -2.73
C VAL A 124 26.78 -3.10 -2.42
N VAL A 125 27.32 -1.91 -2.65
CA VAL A 125 26.56 -0.70 -2.50
C VAL A 125 26.11 -0.31 -3.91
N ASP A 126 24.80 -0.30 -4.16
CA ASP A 126 24.23 -0.03 -5.50
C ASP A 126 23.83 1.43 -5.63
N ALA A 127 24.74 2.20 -6.25
CA ALA A 127 24.51 3.61 -6.54
C ALA A 127 24.54 3.84 -8.05
N ILE A 128 23.98 2.92 -8.81
CA ILE A 128 24.07 3.01 -10.27
C ILE A 128 23.02 4.01 -10.76
N PHE A 129 21.72 3.70 -10.58
CA PHE A 129 20.63 4.64 -10.92
C PHE A 129 19.66 4.84 -9.77
N GLY A 130 19.20 6.07 -9.60
CA GLY A 130 18.16 6.37 -8.62
C GLY A 130 16.89 6.83 -9.34
N THR A 131 16.40 8.01 -8.96
CA THR A 131 15.17 8.54 -9.55
C THR A 131 15.37 9.01 -11.00
N GLY A 132 16.62 9.08 -11.45
CA GLY A 132 16.94 9.49 -12.84
C GLY A 132 16.94 8.35 -13.84
N LEU A 133 16.60 7.15 -13.43
CA LEU A 133 16.41 6.05 -14.39
C LEU A 133 15.44 6.48 -15.48
N ARG A 134 15.84 6.32 -16.74
CA ARG A 134 14.94 6.53 -17.89
C ARG A 134 15.13 5.36 -18.88
N GLY A 135 14.05 4.65 -19.15
CA GLY A 135 14.11 3.56 -20.09
C GLY A 135 14.75 2.29 -19.54
N GLU A 136 14.66 1.25 -20.37
CA GLU A 136 15.16 -0.07 -20.05
C GLU A 136 16.67 -0.05 -19.80
N ILE A 137 17.10 -0.84 -18.83
CA ILE A 137 18.52 -1.07 -18.58
C ILE A 137 19.06 -2.20 -19.46
N THR A 138 20.07 -1.89 -20.26
CA THR A 138 20.76 -2.85 -21.11
C THR A 138 22.29 -2.81 -20.92
N GLY A 139 22.99 -3.63 -21.68
CA GLY A 139 24.44 -3.49 -21.85
C GLY A 139 25.19 -3.90 -20.62
N GLU A 140 26.34 -3.26 -20.37
CA GLU A 140 27.13 -3.46 -19.14
C GLU A 140 26.33 -3.14 -17.89
N TYR A 141 25.38 -2.22 -17.98
CA TYR A 141 24.58 -1.91 -16.79
C TYR A 141 23.82 -3.18 -16.38
N ALA A 142 23.07 -3.74 -17.33
CA ALA A 142 22.28 -4.93 -17.09
C ALA A 142 23.14 -6.09 -16.60
N GLU A 143 24.33 -6.22 -17.20
CA GLU A 143 25.20 -7.32 -16.90
C GLU A 143 25.73 -7.28 -15.48
N ILE A 144 26.16 -6.11 -15.01
CA ILE A 144 26.63 -6.04 -13.64
C ILE A 144 25.45 -6.26 -12.67
N ILE A 145 24.24 -5.78 -13.01
CA ILE A 145 23.08 -5.95 -12.14
C ILE A 145 22.72 -7.43 -12.03
N ASN A 146 22.79 -8.15 -13.15
CA ASN A 146 22.52 -9.60 -13.12
C ASN A 146 23.58 -10.38 -12.34
N LEU A 147 24.84 -9.99 -12.47
CA LEU A 147 25.93 -10.54 -11.66
C LEU A 147 25.75 -10.29 -10.16
N VAL A 148 25.44 -9.04 -9.77
CA VAL A 148 25.13 -8.72 -8.39
C VAL A 148 24.00 -9.61 -7.87
N ASN A 149 22.88 -9.70 -8.60
CA ASN A 149 21.74 -10.55 -8.20
C ASN A 149 22.05 -12.07 -8.07
N LYS A 150 23.06 -12.57 -8.78
CA LYS A 150 23.46 -13.97 -8.62
C LYS A 150 24.55 -14.19 -7.57
N SER A 151 25.02 -13.13 -6.92
CA SER A 151 26.27 -13.22 -6.16
C SER A 151 26.06 -13.70 -4.73
N GLY A 152 24.85 -13.52 -4.20
CA GLY A 152 24.56 -13.80 -2.79
C GLY A 152 25.26 -12.87 -1.80
N LYS A 153 25.77 -11.75 -2.27
CA LYS A 153 26.32 -10.74 -1.37
C LYS A 153 25.20 -9.91 -0.76
N VAL A 154 25.52 -9.25 0.33
CA VAL A 154 24.64 -8.24 0.94
C VAL A 154 24.56 -7.03 0.02
N VAL A 155 23.34 -6.68 -0.41
CA VAL A 155 23.12 -5.55 -1.32
C VAL A 155 22.40 -4.38 -0.67
N VAL A 156 23.03 -3.22 -0.72
CA VAL A 156 22.50 -2.01 -0.15
C VAL A 156 22.32 -1.04 -1.31
N SER A 157 21.07 -0.66 -1.56
CA SER A 157 20.73 0.26 -2.62
C SER A 157 20.56 1.72 -2.15
N VAL A 158 21.19 2.60 -2.89
CA VAL A 158 21.13 4.01 -2.64
C VAL A 158 19.88 4.57 -3.33
N ASP A 159 18.98 5.13 -2.52
CA ASP A 159 17.67 5.74 -2.89
C ASP A 159 16.57 4.75 -3.38
N VAL A 160 16.84 4.04 -4.46
CA VAL A 160 15.93 3.07 -5.02
C VAL A 160 16.79 2.01 -5.68
N PRO A 161 16.39 0.76 -5.61
CA PRO A 161 17.20 -0.26 -6.28
C PRO A 161 17.26 0.03 -7.81
N SER A 162 18.47 0.05 -8.36
CA SER A 162 18.68 0.46 -9.75
C SER A 162 17.87 -0.42 -10.69
N GLY A 163 17.07 0.18 -11.56
CA GLY A 163 16.20 -0.59 -12.41
C GLY A 163 14.73 -0.54 -12.00
N ILE A 164 14.44 -0.07 -10.80
CA ILE A 164 13.05 0.24 -10.44
C ILE A 164 12.68 1.66 -10.80
N ASP A 165 11.59 1.83 -11.52
CA ASP A 165 11.01 3.16 -11.78
C ASP A 165 10.39 3.64 -10.51
N SER A 166 10.88 4.76 -10.01
CA SER A 166 10.55 5.21 -8.70
C SER A 166 9.12 5.82 -8.62
N ASN A 167 8.49 6.07 -9.76
CA ASN A 167 7.11 6.56 -9.82
C ASN A 167 6.07 5.47 -9.93
N THR A 168 6.47 4.28 -10.33
CA THR A 168 5.52 3.20 -10.59
C THR A 168 5.87 1.87 -9.85
N GLY A 169 7.14 1.64 -9.54
CA GLY A 169 7.59 0.35 -9.00
C GLY A 169 7.80 -0.77 -10.01
N LYS A 170 7.69 -0.44 -11.29
CA LYS A 170 7.99 -1.38 -12.36
C LYS A 170 9.47 -1.59 -12.55
N VAL A 171 9.82 -2.79 -13.02
CA VAL A 171 11.22 -3.14 -13.33
C VAL A 171 11.47 -2.76 -14.81
N LEU A 172 12.43 -1.87 -15.06
CA LEU A 172 12.79 -1.51 -16.43
C LEU A 172 13.87 -2.48 -16.98
N ARG A 173 13.37 -3.62 -17.47
CA ARG A 173 14.13 -4.77 -17.94
C ARG A 173 14.81 -5.60 -16.86
N THR A 174 15.66 -4.99 -16.07
CA THR A 174 16.23 -5.72 -14.95
C THR A 174 16.48 -4.73 -13.83
N ALA A 175 16.56 -5.25 -12.60
CA ALA A 175 16.74 -4.40 -11.42
C ALA A 175 17.42 -5.15 -10.32
N VAL A 176 18.07 -4.39 -9.48
CA VAL A 176 18.83 -4.88 -8.36
C VAL A 176 17.84 -5.38 -7.31
N LYS A 177 18.12 -6.54 -6.74
CA LYS A 177 17.39 -6.96 -5.59
C LYS A 177 18.20 -6.62 -4.34
N ALA A 178 17.69 -5.70 -3.53
CA ALA A 178 18.42 -5.19 -2.33
C ALA A 178 17.99 -5.87 -1.04
N ASP A 179 18.93 -6.02 -0.13
CA ASP A 179 18.60 -6.39 1.28
C ASP A 179 18.17 -5.18 2.06
N LEU A 180 18.74 -4.02 1.71
CA LEU A 180 18.49 -2.76 2.41
C LEU A 180 18.46 -1.63 1.38
N THR A 181 17.44 -0.77 1.39
CA THR A 181 17.38 0.41 0.56
C THR A 181 17.32 1.59 1.50
N VAL A 182 18.18 2.59 1.25
CA VAL A 182 18.14 3.82 2.01
C VAL A 182 17.65 4.91 1.10
N THR A 183 16.47 5.45 1.39
CA THR A 183 15.90 6.52 0.54
C THR A 183 15.87 7.86 1.30
N PHE A 184 15.71 8.96 0.60
CA PHE A 184 15.97 10.27 1.16
C PHE A 184 14.70 11.11 1.19
N GLY A 185 14.41 11.66 2.36
CA GLY A 185 13.22 12.51 2.53
C GLY A 185 11.95 11.73 2.75
N VAL A 186 11.49 11.02 1.72
CA VAL A 186 10.20 10.35 1.73
C VAL A 186 10.33 9.04 0.95
N PRO A 187 9.54 8.03 1.30
CA PRO A 187 9.46 6.83 0.46
C PRO A 187 8.96 7.21 -0.94
N LYS A 188 9.42 6.51 -1.95
CA LYS A 188 8.98 6.76 -3.31
C LYS A 188 7.94 5.71 -3.64
N ILE A 189 7.07 6.03 -4.59
CA ILE A 189 6.00 5.14 -4.94
C ILE A 189 6.52 3.76 -5.35
N GLY A 190 7.70 3.72 -5.97
CA GLY A 190 8.33 2.47 -6.39
C GLY A 190 8.91 1.57 -5.29
N HIS A 191 9.00 2.07 -4.06
CA HIS A 191 9.29 1.23 -2.91
C HIS A 191 8.01 0.62 -2.37
N ILE A 192 6.86 1.18 -2.77
CA ILE A 192 5.56 0.86 -2.14
C ILE A 192 4.74 -0.11 -3.00
N LEU A 193 4.84 0.04 -4.33
CA LEU A 193 4.14 -0.79 -5.26
C LEU A 193 5.06 -1.90 -5.73
N PHE A 194 4.47 -3.05 -6.04
CA PHE A 194 5.25 -4.23 -6.47
C PHE A 194 5.37 -4.11 -7.98
N PRO A 195 6.43 -4.63 -8.59
CA PRO A 195 7.45 -5.43 -7.92
C PRO A 195 8.49 -4.66 -7.12
N GLY A 196 8.50 -3.35 -7.22
CA GLY A 196 9.53 -2.56 -6.60
C GLY A 196 9.60 -2.76 -5.10
N ARG A 197 8.46 -2.90 -4.46
CA ARG A 197 8.40 -3.08 -3.03
C ARG A 197 9.16 -4.33 -2.66
N ASP A 198 9.04 -5.37 -3.46
CA ASP A 198 9.77 -6.59 -3.21
C ASP A 198 11.29 -6.45 -3.32
N LEU A 199 11.75 -5.70 -4.31
CA LEU A 199 13.19 -5.57 -4.60
C LEU A 199 13.94 -4.62 -3.64
N THR A 200 13.18 -3.82 -2.89
CA THR A 200 13.66 -2.79 -1.97
C THR A 200 14.24 -3.42 -0.72
N GLY A 201 13.70 -4.59 -0.34
CA GLY A 201 14.09 -5.22 0.88
C GLY A 201 13.68 -4.30 2.02
N LYS A 202 14.51 -4.21 3.05
CA LYS A 202 14.16 -3.38 4.20
C LYS A 202 14.38 -1.92 3.83
N LEU A 203 13.38 -1.07 4.04
CA LEU A 203 13.49 0.30 3.61
C LEU A 203 13.75 1.18 4.79
N LYS A 204 14.82 1.98 4.75
CA LYS A 204 14.96 3.10 5.68
C LYS A 204 14.83 4.45 4.96
N VAL A 205 14.05 5.36 5.54
CA VAL A 205 13.85 6.72 5.04
C VAL A 205 14.66 7.69 5.91
N ALA A 206 15.67 8.32 5.29
CA ALA A 206 16.59 9.21 5.96
C ALA A 206 16.24 10.66 5.75
N ASN A 207 16.37 11.42 6.83
CA ASN A 207 16.26 12.85 6.84
C ASN A 207 17.63 13.40 6.36
N ILE A 208 17.67 14.05 5.21
CA ILE A 208 18.93 14.67 4.71
C ILE A 208 18.93 16.19 4.72
N GLY A 209 17.90 16.75 5.36
CA GLY A 209 17.88 18.16 5.77
C GLY A 209 16.94 19.03 4.97
N HIS A 210 16.04 18.43 4.17
CA HIS A 210 14.91 19.21 3.60
C HIS A 210 14.05 19.86 4.70
N PRO A 211 13.54 21.07 4.46
CA PRO A 211 12.64 21.66 5.45
C PRO A 211 11.47 20.71 5.71
N VAL A 212 11.09 20.57 6.96
CA VAL A 212 10.03 19.61 7.29
C VAL A 212 8.68 19.95 6.59
N HIS A 213 8.36 21.25 6.48
CA HIS A 213 7.18 21.75 5.74
C HIS A 213 7.13 21.20 4.31
N LEU A 214 8.28 21.08 3.64
CA LEU A 214 8.25 20.51 2.29
C LEU A 214 7.99 19.00 2.28
N ILE A 215 8.62 18.28 3.21
CA ILE A 215 8.47 16.82 3.32
C ILE A 215 7.01 16.50 3.60
N ASN A 216 6.38 17.35 4.39
CA ASN A 216 4.98 17.12 4.80
C ASN A 216 3.94 17.50 3.78
N SER A 217 4.37 18.13 2.68
CA SER A 217 3.43 18.61 1.69
C SER A 217 3.08 17.52 0.70
N ILE A 218 3.86 16.45 0.64
CA ILE A 218 3.60 15.34 -0.29
C ILE A 218 2.17 14.78 -0.16
N ASN A 219 1.47 14.60 -1.27
CA ASN A 219 0.06 14.23 -1.25
C ASN A 219 -0.26 12.75 -1.34
N ARG A 220 0.74 11.90 -1.38
CA ARG A 220 0.49 10.49 -1.46
C ARG A 220 1.29 9.81 -0.36
N TYR A 221 0.62 9.19 0.60
CA TYR A 221 1.29 8.65 1.76
C TYR A 221 1.04 7.19 2.01
N VAL A 222 1.89 6.64 2.85
CA VAL A 222 1.74 5.31 3.36
C VAL A 222 0.95 5.39 4.64
N ILE A 223 -0.03 4.51 4.80
CA ILE A 223 -0.82 4.48 6.00
C ILE A 223 0.01 3.92 7.14
N THR A 224 0.14 4.68 8.20
CA THR A 224 0.96 4.24 9.32
C THR A 224 0.14 4.00 10.56
N ARG A 225 0.79 3.33 11.48
CA ARG A 225 0.19 2.95 12.71
C ARG A 225 -0.29 4.22 13.44
N GLU A 226 0.49 5.30 13.39
CA GLU A 226 0.15 6.50 14.12
C GLU A 226 -1.08 7.16 13.49
N MET A 227 -1.12 7.17 12.18
CA MET A 227 -2.28 7.73 11.49
C MET A 227 -3.56 6.94 11.84
N VAL A 228 -3.47 5.63 11.89
CA VAL A 228 -4.65 4.81 12.17
C VAL A 228 -5.05 4.98 13.62
N ARG A 229 -4.06 5.06 14.53
CA ARG A 229 -4.35 5.26 15.96
C ARG A 229 -5.11 6.58 16.21
N SER A 230 -4.69 7.65 15.56
CA SER A 230 -5.40 8.91 15.78
C SER A 230 -6.77 8.97 15.12
N LEU A 231 -7.05 8.09 14.16
CA LEU A 231 -8.35 8.02 13.51
C LEU A 231 -9.37 7.11 14.20
N LEU A 232 -8.91 6.19 15.02
CA LEU A 232 -9.80 5.29 15.70
C LEU A 232 -10.82 6.05 16.50
N PRO A 233 -12.08 5.72 16.36
CA PRO A 233 -13.09 6.48 17.09
C PRO A 233 -13.03 6.28 18.60
N GLU A 234 -13.60 7.22 19.31
CA GLU A 234 -13.62 7.22 20.74
C GLU A 234 -14.69 6.29 21.25
N ARG A 235 -14.47 5.72 22.41
CA ARG A 235 -15.46 4.92 23.09
C ARG A 235 -15.84 5.57 24.44
N PRO A 236 -16.71 6.56 24.43
CA PRO A 236 -17.09 7.21 25.69
C PRO A 236 -17.83 6.20 26.54
N ARG A 237 -17.57 6.26 27.84
CA ARG A 237 -18.10 5.26 28.73
C ARG A 237 -19.60 5.29 28.86
N ASP A 238 -20.17 6.49 28.77
CA ASP A 238 -21.63 6.60 28.83
C ASP A 238 -22.19 6.45 27.43
N SER A 239 -22.32 5.24 26.96
CA SER A 239 -22.65 5.02 25.54
C SER A 239 -23.61 3.82 25.52
N HIS A 240 -24.18 3.54 24.36
CA HIS A 240 -25.05 2.40 24.18
C HIS A 240 -24.91 2.04 22.70
N LYS A 241 -25.55 0.98 22.29
CA LYS A 241 -25.28 0.48 20.96
C LYS A 241 -25.50 1.53 19.86
N GLY A 242 -26.51 2.37 20.04
CA GLY A 242 -26.78 3.45 19.12
C GLY A 242 -25.64 4.44 18.96
N THR A 243 -24.88 4.71 20.03
CA THR A 243 -23.63 5.48 19.90
C THR A 243 -22.70 4.99 18.78
N TYR A 244 -22.67 3.67 18.56
CA TYR A 244 -21.70 3.05 17.70
C TYR A 244 -22.26 2.67 16.33
N GLY A 245 -23.47 3.16 16.01
CA GLY A 245 -24.08 3.02 14.69
C GLY A 245 -24.70 1.66 14.33
N LYS A 246 -25.40 1.69 13.22
CA LYS A 246 -26.11 0.57 12.65
C LYS A 246 -25.75 0.41 11.18
N VAL A 247 -25.48 -0.84 10.80
CA VAL A 247 -25.12 -1.23 9.45
C VAL A 247 -26.18 -2.20 8.91
N LEU A 248 -26.56 -2.02 7.64
CA LEU A 248 -27.33 -3.02 6.91
C LEU A 248 -26.39 -3.59 5.86
N ILE A 249 -26.33 -4.90 5.77
CA ILE A 249 -25.60 -5.58 4.74
C ILE A 249 -26.57 -6.35 3.87
N ILE A 250 -26.59 -6.01 2.59
CA ILE A 250 -27.43 -6.68 1.57
C ILE A 250 -26.50 -7.59 0.79
N ALA A 251 -26.68 -8.89 0.95
CA ALA A 251 -25.69 -9.84 0.51
C ALA A 251 -26.24 -11.24 0.42
N GLY A 252 -25.49 -12.08 -0.27
CA GLY A 252 -25.75 -13.51 -0.33
C GLY A 252 -26.79 -13.89 -1.37
N SER A 253 -26.92 -15.18 -1.53
CA SER A 253 -27.73 -15.80 -2.56
C SER A 253 -27.74 -17.29 -2.28
N ARG A 254 -28.55 -18.04 -3.02
CA ARG A 254 -28.58 -19.48 -2.83
C ARG A 254 -27.20 -20.10 -3.18
N LEU A 255 -26.46 -19.46 -4.09
CA LEU A 255 -25.12 -19.91 -4.43
C LEU A 255 -24.08 -19.58 -3.36
N TYR A 256 -24.19 -18.38 -2.78
CA TYR A 256 -23.10 -17.83 -1.97
C TYR A 256 -23.68 -17.44 -0.60
N SER A 257 -23.77 -18.42 0.31
CA SER A 257 -24.45 -18.20 1.57
C SER A 257 -23.52 -17.72 2.67
N GLY A 258 -22.21 -17.88 2.47
CA GLY A 258 -21.24 -17.53 3.51
C GLY A 258 -20.86 -16.05 3.55
N ALA A 259 -20.84 -15.39 2.39
CA ALA A 259 -20.42 -14.01 2.34
C ALA A 259 -21.06 -13.04 3.38
N PRO A 260 -22.41 -13.06 3.58
CA PRO A 260 -23.08 -12.14 4.53
C PRO A 260 -22.57 -12.21 5.97
N VAL A 261 -22.23 -13.43 6.36
CA VAL A 261 -21.79 -13.76 7.69
C VAL A 261 -20.41 -13.10 7.94
N LEU A 262 -19.50 -13.25 6.98
CA LEU A 262 -18.18 -12.64 7.11
C LEU A 262 -18.26 -11.13 7.09
N SER A 263 -19.11 -10.55 6.22
CA SER A 263 -19.28 -9.11 6.21
C SER A 263 -19.88 -8.57 7.51
N GLY A 264 -20.97 -9.19 7.97
CA GLY A 264 -21.60 -8.82 9.24
C GLY A 264 -20.67 -8.84 10.45
N MET A 265 -19.92 -9.93 10.63
CA MET A 265 -18.96 -10.00 11.74
C MET A 265 -17.82 -9.03 11.59
N GLY A 266 -17.45 -8.77 10.35
CA GLY A 266 -16.48 -7.74 10.11
C GLY A 266 -16.90 -6.41 10.72
N SER A 267 -18.15 -6.03 10.53
CA SER A 267 -18.66 -4.81 11.14
C SER A 267 -18.67 -4.93 12.66
N LEU A 268 -19.11 -6.08 13.20
CA LEU A 268 -19.22 -6.18 14.65
C LEU A 268 -17.87 -6.14 15.34
N LYS A 269 -16.87 -6.79 14.75
CA LYS A 269 -15.55 -6.90 15.40
C LYS A 269 -14.84 -5.54 15.46
N VAL A 270 -15.23 -4.53 14.66
CA VAL A 270 -14.56 -3.20 14.70
C VAL A 270 -15.32 -2.24 15.64
N GLY A 271 -16.40 -2.72 16.27
CA GLY A 271 -17.10 -2.00 17.34
C GLY A 271 -18.40 -1.35 16.95
N THR A 272 -18.97 -1.78 15.84
CA THR A 272 -20.30 -1.33 15.45
C THR A 272 -21.39 -1.78 16.40
N GLY A 273 -22.39 -0.94 16.62
CA GLY A 273 -23.41 -1.24 17.60
C GLY A 273 -24.42 -2.28 17.20
N LEU A 274 -24.89 -2.21 15.97
CA LEU A 274 -25.90 -3.15 15.51
C LEU A 274 -25.68 -3.48 14.06
N VAL A 275 -25.76 -4.77 13.74
CA VAL A 275 -25.61 -5.20 12.35
C VAL A 275 -26.77 -6.09 11.95
N LYS A 276 -27.36 -5.70 10.83
CA LYS A 276 -28.48 -6.38 10.22
C LYS A 276 -28.08 -6.85 8.87
N LEU A 277 -28.32 -8.11 8.56
CA LEU A 277 -28.15 -8.65 7.22
C LEU A 277 -29.50 -8.85 6.56
N ALA A 278 -29.56 -8.61 5.24
CA ALA A 278 -30.69 -9.04 4.41
C ALA A 278 -30.12 -10.06 3.41
N VAL A 279 -30.59 -11.28 3.52
CA VAL A 279 -30.09 -12.41 2.81
C VAL A 279 -31.30 -13.23 2.38
N PRO A 280 -31.29 -13.78 1.15
CA PRO A 280 -32.39 -14.64 0.72
C PRO A 280 -32.63 -15.82 1.66
N PHE A 281 -33.89 -16.06 1.97
CA PHE A 281 -34.33 -17.22 2.74
C PHE A 281 -34.13 -18.48 1.95
N PRO A 282 -33.65 -19.58 2.58
CA PRO A 282 -33.28 -19.81 3.99
C PRO A 282 -31.81 -19.57 4.29
N GLN A 283 -31.08 -18.94 3.36
CA GLN A 283 -29.63 -18.78 3.51
C GLN A 283 -29.33 -17.82 4.64
N ASN A 284 -30.31 -16.97 4.98
CA ASN A 284 -30.16 -16.07 6.13
C ASN A 284 -29.95 -16.80 7.47
N LEU A 285 -30.47 -18.02 7.58
CA LEU A 285 -30.35 -18.78 8.83
C LEU A 285 -28.95 -19.26 9.12
N ILE A 286 -28.13 -19.32 8.08
CA ILE A 286 -26.73 -19.64 8.18
C ILE A 286 -26.03 -18.69 9.15
N ALA A 287 -26.38 -17.41 9.09
CA ALA A 287 -25.57 -16.39 9.75
C ALA A 287 -25.72 -16.50 11.25
N THR A 288 -26.94 -16.70 11.73
CA THR A 288 -27.22 -16.70 13.15
C THR A 288 -26.93 -18.04 13.77
N SER A 289 -26.91 -19.11 13.00
CA SER A 289 -26.41 -20.32 13.54
C SER A 289 -24.91 -20.22 13.85
N ARG A 290 -24.18 -19.41 13.13
CA ARG A 290 -22.71 -19.28 13.38
C ARG A 290 -22.46 -18.16 14.48
N PHE A 291 -23.07 -17.01 14.25
CA PHE A 291 -23.04 -15.90 15.17
C PHE A 291 -24.44 -15.38 15.45
N PRO A 292 -24.99 -15.70 16.61
CA PRO A 292 -26.34 -15.30 16.98
C PRO A 292 -26.46 -13.82 17.32
N GLU A 293 -25.33 -13.15 17.46
CA GLU A 293 -25.25 -11.71 17.68
C GLU A 293 -25.82 -10.96 16.49
N LEU A 294 -25.65 -11.51 15.31
CA LEU A 294 -26.14 -10.89 14.09
C LEU A 294 -27.65 -10.95 13.99
N ILE A 295 -28.21 -10.00 13.27
CA ILE A 295 -29.61 -10.04 12.91
C ILE A 295 -29.57 -10.40 11.44
N SER A 296 -30.25 -11.47 11.05
CA SER A 296 -30.20 -11.90 9.66
C SER A 296 -31.65 -12.04 9.17
N VAL A 297 -32.10 -10.99 8.45
CA VAL A 297 -33.46 -10.87 8.02
C VAL A 297 -33.70 -11.74 6.77
N PRO A 298 -34.75 -12.55 6.77
CA PRO A 298 -34.96 -13.38 5.60
C PRO A 298 -35.65 -12.61 4.48
N ILE A 299 -35.13 -12.68 3.28
CA ILE A 299 -35.73 -11.99 2.15
C ILE A 299 -36.31 -13.09 1.26
N ASP A 300 -37.58 -12.96 0.90
CA ASP A 300 -38.25 -13.97 0.09
C ASP A 300 -37.97 -13.60 -1.36
N THR A 301 -37.30 -14.50 -2.07
CA THR A 301 -36.90 -14.27 -3.44
C THR A 301 -37.57 -15.33 -4.27
N GLU A 302 -37.68 -15.06 -5.58
CA GLU A 302 -38.28 -16.05 -6.50
C GLU A 302 -37.39 -17.28 -6.72
N LYS A 303 -36.11 -17.06 -7.00
CA LYS A 303 -35.16 -18.13 -7.35
C LYS A 303 -33.84 -18.10 -6.54
N GLY A 304 -33.79 -17.37 -5.42
CA GLY A 304 -32.62 -17.41 -4.54
C GLY A 304 -31.70 -16.23 -4.73
N PHE A 305 -32.11 -15.26 -5.56
CA PHE A 305 -31.34 -14.04 -5.79
C PHE A 305 -32.21 -12.80 -5.58
N PHE A 306 -31.62 -11.75 -5.01
CA PHE A 306 -32.26 -10.44 -4.99
C PHE A 306 -32.72 -10.02 -6.37
N SER A 307 -33.88 -9.36 -6.43
CA SER A 307 -34.42 -8.79 -7.65
C SER A 307 -35.23 -7.55 -7.31
N LEU A 308 -35.72 -6.88 -8.36
CA LEU A 308 -36.59 -5.74 -8.14
C LEU A 308 -37.73 -6.01 -7.17
N GLN A 309 -38.25 -7.23 -7.10
CA GLN A 309 -39.32 -7.47 -6.13
C GLN A 309 -38.88 -7.24 -4.64
N ASN A 310 -37.58 -7.14 -4.39
CA ASN A 310 -37.09 -6.92 -3.04
C ASN A 310 -36.68 -5.47 -2.78
N LEU A 311 -36.82 -4.62 -3.79
CA LEU A 311 -36.38 -3.23 -3.69
C LEU A 311 -37.00 -2.54 -2.48
N GLN A 312 -38.33 -2.62 -2.38
CA GLN A 312 -39.03 -1.86 -1.40
C GLN A 312 -38.67 -2.34 0.00
N GLU A 313 -38.63 -3.65 0.21
CA GLU A 313 -38.22 -4.15 1.54
C GLU A 313 -36.80 -3.69 1.96
N CYS A 314 -35.89 -3.57 1.00
CA CYS A 314 -34.54 -3.21 1.30
C CYS A 314 -34.41 -1.71 1.64
N LEU A 315 -35.20 -0.87 0.97
CA LEU A 315 -35.18 0.57 1.25
C LEU A 315 -35.77 0.79 2.62
N GLU A 316 -36.83 0.05 2.93
CA GLU A 316 -37.42 0.15 4.24
C GLU A 316 -36.42 -0.18 5.36
N LEU A 317 -35.69 -1.28 5.19
CA LEU A 317 -34.72 -1.73 6.13
C LEU A 317 -33.57 -0.70 6.27
N SER A 318 -33.25 0.01 5.18
CA SER A 318 -32.24 1.08 5.17
C SER A 318 -32.54 2.33 5.98
N LYS A 319 -33.83 2.59 6.21
CA LYS A 319 -34.23 3.81 6.89
C LYS A 319 -33.69 3.89 8.31
N ASP A 320 -33.56 2.77 9.00
CA ASP A 320 -33.17 2.74 10.38
C ASP A 320 -31.67 2.42 10.54
N VAL A 321 -30.85 2.60 9.49
CA VAL A 321 -29.42 2.38 9.61
C VAL A 321 -28.63 3.62 9.17
N ASP A 322 -27.33 3.61 9.51
CA ASP A 322 -26.42 4.69 9.16
C ASP A 322 -25.69 4.44 7.86
N VAL A 323 -25.48 3.18 7.49
CA VAL A 323 -24.70 2.84 6.30
C VAL A 323 -25.26 1.52 5.78
N VAL A 324 -25.17 1.38 4.48
CA VAL A 324 -25.49 0.13 3.83
C VAL A 324 -24.31 -0.41 3.04
N ALA A 325 -23.92 -1.68 3.30
CA ALA A 325 -22.94 -2.42 2.46
C ALA A 325 -23.76 -3.35 1.53
N ILE A 326 -23.36 -3.45 0.28
CA ILE A 326 -24.05 -4.27 -0.71
C ILE A 326 -23.07 -4.99 -1.64
N GLY A 327 -23.37 -6.26 -2.00
CA GLY A 327 -22.62 -6.96 -3.03
C GLY A 327 -22.01 -8.31 -2.78
N PRO A 328 -21.48 -8.55 -1.58
CA PRO A 328 -20.78 -9.83 -1.39
C PRO A 328 -21.79 -10.98 -1.59
N GLY A 329 -21.44 -11.90 -2.47
CA GLY A 329 -22.28 -13.05 -2.74
C GLY A 329 -23.65 -12.85 -3.38
N LEU A 330 -23.95 -11.67 -3.94
CA LEU A 330 -25.26 -11.44 -4.58
C LEU A 330 -25.50 -12.29 -5.83
N GLY A 331 -24.41 -12.60 -6.54
CA GLY A 331 -24.54 -13.18 -7.89
C GLY A 331 -24.62 -12.04 -8.87
N ASN A 332 -24.49 -12.38 -10.12
CA ASN A 332 -24.48 -11.37 -11.16
C ASN A 332 -25.30 -11.94 -12.32
N ASN A 333 -26.56 -11.56 -12.35
CA ASN A 333 -27.49 -11.87 -13.44
C ASN A 333 -28.28 -10.56 -13.57
N GLU A 334 -29.15 -10.49 -14.54
CA GLU A 334 -29.80 -9.24 -14.88
C GLU A 334 -30.73 -8.69 -13.80
N HIS A 335 -31.42 -9.58 -13.09
CA HIS A 335 -32.33 -9.21 -12.01
C HIS A 335 -31.55 -8.59 -10.85
N VAL A 336 -30.37 -9.14 -10.54
CA VAL A 336 -29.48 -8.52 -9.56
C VAL A 336 -29.03 -7.14 -10.05
N ARG A 337 -28.62 -7.03 -11.30
CA ARG A 337 -28.21 -5.74 -11.86
C ARG A 337 -29.31 -4.70 -11.69
N GLU A 338 -30.55 -5.05 -12.04
CA GLU A 338 -31.66 -4.09 -11.94
C GLU A 338 -31.89 -3.67 -10.48
N PHE A 339 -31.92 -4.65 -9.60
CA PHE A 339 -32.07 -4.38 -8.17
C PHE A 339 -30.96 -3.48 -7.62
N VAL A 340 -29.71 -3.82 -7.89
CA VAL A 340 -28.57 -3.08 -7.30
C VAL A 340 -28.58 -1.62 -7.73
N ASN A 341 -28.78 -1.39 -9.03
CA ASN A 341 -28.75 -0.03 -9.60
C ASN A 341 -29.97 0.82 -9.14
N GLU A 342 -31.17 0.25 -9.14
CA GLU A 342 -32.35 0.97 -8.63
C GLU A 342 -32.27 1.23 -7.12
N PHE A 343 -31.70 0.28 -6.38
CA PHE A 343 -31.51 0.50 -4.97
C PHE A 343 -30.55 1.65 -4.70
N LEU A 344 -29.36 1.59 -5.28
CA LEU A 344 -28.34 2.62 -5.02
C LEU A 344 -28.79 4.02 -5.50
N LYS A 345 -29.61 4.07 -6.54
CA LYS A 345 -30.14 5.32 -7.07
C LYS A 345 -31.10 5.97 -6.05
N THR A 346 -31.86 5.18 -5.31
CA THR A 346 -32.82 5.70 -4.32
C THR A 346 -32.25 5.80 -2.91
N LEU A 347 -31.27 4.97 -2.57
CA LEU A 347 -30.73 4.99 -1.21
C LEU A 347 -30.04 6.29 -0.88
N GLU A 348 -30.53 6.97 0.16
CA GLU A 348 -29.92 8.22 0.59
C GLU A 348 -29.11 8.03 1.88
N LYS A 349 -28.23 7.03 1.86
CA LYS A 349 -27.35 6.69 2.98
C LYS A 349 -25.96 6.44 2.34
N PRO A 350 -24.88 6.65 3.08
CA PRO A 350 -23.61 6.13 2.59
C PRO A 350 -23.68 4.66 2.19
N ALA A 351 -23.01 4.31 1.09
CA ALA A 351 -23.01 2.94 0.58
C ALA A 351 -21.58 2.41 0.45
N VAL A 352 -21.35 1.16 0.85
CA VAL A 352 -20.10 0.46 0.60
C VAL A 352 -20.44 -0.61 -0.47
N ILE A 353 -19.82 -0.49 -1.65
CA ILE A 353 -20.23 -1.27 -2.82
C ILE A 353 -19.08 -2.18 -3.16
N ASP A 354 -19.33 -3.49 -3.12
CA ASP A 354 -18.33 -4.53 -3.22
C ASP A 354 -18.79 -5.64 -4.18
N ALA A 355 -17.82 -6.38 -4.69
CA ALA A 355 -18.02 -7.68 -5.30
C ALA A 355 -19.03 -7.63 -6.42
N ASP A 356 -20.03 -8.48 -6.36
CA ASP A 356 -21.05 -8.52 -7.43
C ASP A 356 -21.82 -7.22 -7.60
N ALA A 357 -21.97 -6.40 -6.57
CA ALA A 357 -22.61 -5.07 -6.77
C ALA A 357 -21.73 -4.16 -7.65
N ILE A 358 -20.40 -4.34 -7.59
CA ILE A 358 -19.50 -3.66 -8.53
C ILE A 358 -19.65 -4.24 -9.96
N ASN A 359 -19.65 -5.55 -10.06
CA ASN A 359 -19.80 -6.24 -11.37
C ASN A 359 -21.07 -5.83 -12.13
N VAL A 360 -22.13 -5.45 -11.42
CA VAL A 360 -23.32 -5.01 -12.12
C VAL A 360 -23.53 -3.50 -12.10
N LEU A 361 -22.63 -2.73 -11.50
CA LEU A 361 -22.89 -1.34 -11.22
C LEU A 361 -22.97 -0.57 -12.53
N ASP A 362 -23.91 0.34 -12.60
CA ASP A 362 -23.94 1.36 -13.66
C ASP A 362 -23.29 2.61 -13.06
N THR A 363 -22.11 2.98 -13.55
CA THR A 363 -21.39 4.11 -12.93
C THR A 363 -22.14 5.46 -13.04
N SER A 364 -23.09 5.59 -13.97
CA SER A 364 -23.96 6.80 -13.97
C SER A 364 -24.70 6.92 -12.66
N VAL A 365 -25.11 5.79 -12.11
CA VAL A 365 -25.76 5.79 -10.81
C VAL A 365 -24.92 6.51 -9.74
N LEU A 366 -23.60 6.29 -9.72
CA LEU A 366 -22.72 6.96 -8.73
C LEU A 366 -22.66 8.45 -8.86
N LYS A 367 -22.68 8.92 -10.10
CA LYS A 367 -22.59 10.35 -10.36
C LYS A 367 -23.85 11.04 -9.89
N GLU A 368 -24.99 10.37 -9.92
CA GLU A 368 -26.23 11.03 -9.54
C GLU A 368 -26.57 10.89 -8.04
N ARG A 369 -25.86 10.03 -7.31
CA ARG A 369 -26.12 9.88 -5.88
C ARG A 369 -25.67 11.14 -5.17
N LYS A 370 -26.52 11.65 -4.30
CA LYS A 370 -26.13 12.73 -3.39
C LYS A 370 -25.30 12.18 -2.22
N SER A 371 -25.63 11.00 -1.74
CA SER A 371 -24.91 10.39 -0.62
C SER A 371 -23.55 9.78 -1.01
N PRO A 372 -22.63 9.62 -0.05
CA PRO A 372 -21.28 9.09 -0.37
C PRO A 372 -21.25 7.59 -0.69
N ALA A 373 -20.15 7.14 -1.26
CA ALA A 373 -19.95 5.76 -1.55
C ALA A 373 -18.48 5.42 -1.43
N VAL A 374 -18.22 4.21 -0.97
CA VAL A 374 -16.92 3.61 -1.12
C VAL A 374 -17.09 2.38 -2.04
N LEU A 375 -16.20 2.24 -3.01
CA LEU A 375 -16.12 1.02 -3.87
C LEU A 375 -14.87 0.28 -3.53
N THR A 376 -14.96 -1.04 -3.42
CA THR A 376 -13.85 -1.87 -2.98
C THR A 376 -13.53 -3.00 -3.95
N PRO A 377 -13.13 -2.69 -5.20
CA PRO A 377 -12.81 -3.70 -6.18
C PRO A 377 -11.41 -4.30 -5.99
N HIS A 378 -11.23 -5.60 -6.29
CA HIS A 378 -9.91 -6.10 -6.69
C HIS A 378 -9.64 -5.74 -8.19
N PRO A 379 -8.39 -5.91 -8.67
CA PRO A 379 -8.09 -5.48 -10.05
C PRO A 379 -8.96 -6.08 -11.13
N GLY A 380 -9.42 -7.31 -10.91
CA GLY A 380 -10.31 -7.95 -11.85
C GLY A 380 -11.64 -7.21 -11.98
N GLU A 381 -12.20 -6.87 -10.84
CA GLU A 381 -13.42 -6.09 -10.81
C GLU A 381 -13.19 -4.67 -11.32
N MET A 382 -12.10 -4.02 -10.93
CA MET A 382 -11.82 -2.66 -11.45
C MET A 382 -11.66 -2.68 -12.99
N ALA A 383 -10.93 -3.66 -13.49
CA ALA A 383 -10.76 -3.83 -14.92
C ALA A 383 -12.12 -3.89 -15.66
N ARG A 384 -13.01 -4.75 -15.20
CA ARG A 384 -14.37 -4.87 -15.79
C ARG A 384 -15.13 -3.58 -15.60
N LEU A 385 -14.97 -2.94 -14.44
CA LEU A 385 -15.76 -1.74 -14.23
C LEU A 385 -15.36 -0.61 -15.22
N VAL A 386 -14.08 -0.42 -15.52
CA VAL A 386 -13.67 0.68 -16.43
C VAL A 386 -13.37 0.14 -17.85
N LYS A 387 -13.60 -1.15 -18.10
CA LYS A 387 -13.43 -1.72 -19.46
C LYS A 387 -11.97 -1.66 -19.91
N LYS A 388 -11.07 -1.99 -19.01
CA LYS A 388 -9.64 -2.12 -19.34
C LYS A 388 -9.11 -3.52 -18.94
N THR A 389 -7.84 -3.80 -19.19
CA THR A 389 -7.26 -5.05 -18.82
C THR A 389 -6.81 -4.93 -17.36
N VAL A 390 -6.69 -6.07 -16.68
CA VAL A 390 -6.14 -6.16 -15.34
C VAL A 390 -4.76 -5.53 -15.26
N GLY A 391 -3.89 -5.82 -16.22
CA GLY A 391 -2.55 -5.23 -16.28
C GLY A 391 -2.52 -3.70 -16.41
N ASP A 392 -3.53 -3.11 -17.02
CA ASP A 392 -3.56 -1.67 -17.13
C ASP A 392 -4.10 -0.98 -15.85
N VAL A 393 -4.88 -1.65 -15.03
CA VAL A 393 -5.43 -1.04 -13.82
C VAL A 393 -4.63 -1.45 -12.56
N LYS A 394 -3.90 -2.56 -12.62
CA LYS A 394 -3.24 -3.03 -11.45
C LYS A 394 -2.21 -2.01 -10.96
N TYR A 395 -2.26 -1.61 -9.71
CA TYR A 395 -1.33 -0.57 -9.16
C TYR A 395 -1.35 0.77 -9.90
N ASN A 396 -2.42 1.04 -10.67
CA ASN A 396 -2.47 2.27 -11.45
C ASN A 396 -3.14 3.33 -10.58
N TYR A 397 -2.37 3.92 -9.69
CA TYR A 397 -2.97 4.89 -8.76
C TYR A 397 -3.56 6.13 -9.46
N GLU A 398 -2.97 6.59 -10.57
CA GLU A 398 -3.54 7.74 -11.28
C GLU A 398 -4.93 7.41 -11.88
N LEU A 399 -5.12 6.19 -12.38
CA LEU A 399 -6.44 5.79 -12.86
C LEU A 399 -7.41 5.73 -11.70
N ALA A 400 -6.97 5.19 -10.57
CA ALA A 400 -7.82 5.16 -9.40
C ALA A 400 -8.27 6.58 -8.99
N GLU A 401 -7.31 7.50 -8.93
CA GLU A 401 -7.59 8.89 -8.58
C GLU A 401 -8.61 9.52 -9.53
N GLU A 402 -8.42 9.35 -10.83
CA GLU A 402 -9.37 9.90 -11.82
C GLU A 402 -10.76 9.31 -11.62
N PHE A 403 -10.83 7.98 -11.42
CA PHE A 403 -12.12 7.35 -11.25
C PHE A 403 -12.81 7.93 -9.99
N ALA A 404 -12.08 8.06 -8.88
CA ALA A 404 -12.68 8.54 -7.61
C ALA A 404 -13.22 9.97 -7.77
N LYS A 405 -12.41 10.81 -8.39
CA LYS A 405 -12.71 12.20 -8.62
C LYS A 405 -13.90 12.34 -9.59
N GLU A 406 -13.93 11.58 -10.66
CA GLU A 406 -15.03 11.66 -11.61
C GLU A 406 -16.37 11.14 -11.09
N ASN A 407 -16.33 10.18 -10.17
CA ASN A 407 -17.57 9.54 -9.71
C ASN A 407 -17.92 9.95 -8.30
N ASP A 408 -17.16 10.90 -7.78
CA ASP A 408 -17.37 11.42 -6.42
C ASP A 408 -17.45 10.32 -5.37
N CYS A 409 -16.46 9.45 -5.35
CA CYS A 409 -16.47 8.35 -4.40
C CYS A 409 -15.07 8.15 -3.79
N VAL A 410 -14.97 7.20 -2.88
CA VAL A 410 -13.70 6.69 -2.40
C VAL A 410 -13.55 5.35 -3.10
N LEU A 411 -12.36 5.14 -3.64
CA LEU A 411 -12.02 3.91 -4.29
C LEU A 411 -10.93 3.22 -3.49
N VAL A 412 -11.17 1.96 -3.15
CA VAL A 412 -10.24 1.13 -2.41
C VAL A 412 -9.90 0.01 -3.38
N LEU A 413 -8.77 0.12 -4.06
CA LEU A 413 -8.28 -0.87 -5.07
C LEU A 413 -7.38 -1.85 -4.37
N LYS A 414 -7.92 -3.05 -4.09
CA LYS A 414 -7.27 -4.06 -3.27
C LYS A 414 -6.13 -4.80 -4.03
N SER A 415 -5.01 -5.03 -3.35
CA SER A 415 -3.90 -5.86 -3.83
C SER A 415 -2.92 -5.90 -2.67
N ALA A 416 -1.74 -6.52 -2.87
CA ALA A 416 -0.82 -6.71 -1.77
C ALA A 416 -0.48 -5.36 -1.15
N THR A 417 -0.38 -4.35 -2.02
CA THR A 417 -0.40 -2.96 -1.59
C THR A 417 -1.75 -2.43 -2.03
N THR A 418 -2.55 -1.95 -1.09
CA THR A 418 -3.88 -1.45 -1.41
C THR A 418 -3.82 0.08 -1.54
N ILE A 419 -4.49 0.60 -2.56
CA ILE A 419 -4.56 2.02 -2.81
C ILE A 419 -5.94 2.54 -2.37
N VAL A 420 -5.96 3.60 -1.59
CA VAL A 420 -7.21 4.19 -1.08
C VAL A 420 -7.18 5.62 -1.54
N THR A 421 -8.20 6.07 -2.28
CA THR A 421 -8.18 7.46 -2.79
C THR A 421 -9.58 8.03 -2.87
N ASP A 422 -9.70 9.33 -2.66
CA ASP A 422 -10.91 10.05 -2.98
C ASP A 422 -10.73 11.00 -4.19
N GLY A 423 -9.57 10.92 -4.86
CA GLY A 423 -9.29 11.79 -5.99
C GLY A 423 -8.31 12.90 -5.63
N GLU A 424 -8.25 13.28 -4.36
CA GLU A 424 -7.38 14.38 -3.94
C GLU A 424 -6.25 13.82 -3.12
N LYS A 425 -6.60 12.99 -2.16
CA LYS A 425 -5.66 12.36 -1.28
C LYS A 425 -5.58 10.85 -1.62
N THR A 426 -4.38 10.30 -1.68
CA THR A 426 -4.13 8.90 -1.94
C THR A 426 -3.22 8.30 -0.88
N LEU A 427 -3.66 7.18 -0.33
CA LEU A 427 -2.94 6.48 0.72
C LEU A 427 -2.65 5.03 0.26
N PHE A 428 -1.49 4.54 0.66
CA PHE A 428 -1.06 3.20 0.31
C PHE A 428 -0.99 2.34 1.57
N ASN A 429 -1.57 1.16 1.52
CA ASN A 429 -1.50 0.23 2.65
C ASN A 429 -0.47 -0.85 2.40
N ILE A 430 0.44 -1.08 3.36
CA ILE A 430 1.43 -2.13 3.22
C ILE A 430 1.32 -3.24 4.31
N THR A 431 0.26 -3.27 5.10
CA THR A 431 0.03 -4.37 6.05
C THR A 431 -0.59 -5.55 5.36
N GLY A 432 -0.51 -6.73 5.96
CA GLY A 432 -1.10 -7.94 5.38
C GLY A 432 -0.08 -8.95 4.95
N ASN A 433 -0.58 -10.10 4.49
CA ASN A 433 0.28 -11.12 3.92
C ASN A 433 -0.59 -12.01 3.00
N THR A 434 0.00 -13.11 2.49
CA THR A 434 -0.69 -13.95 1.52
C THR A 434 -1.82 -14.78 2.12
N GLY A 435 -1.99 -14.76 3.44
CA GLY A 435 -3.10 -15.46 4.00
C GLY A 435 -4.41 -14.77 3.63
N LEU A 436 -4.35 -13.51 3.21
CA LEU A 436 -5.53 -12.80 2.75
C LEU A 436 -5.89 -13.14 1.29
N SER A 437 -4.99 -13.82 0.59
CA SER A 437 -5.18 -14.27 -0.80
C SER A 437 -6.03 -15.54 -0.83
N LYS A 438 -7.28 -15.39 -0.40
CA LYS A 438 -8.14 -16.52 -0.19
C LYS A 438 -9.57 -15.99 -0.04
N GLY A 439 -10.52 -16.67 -0.65
CA GLY A 439 -11.92 -16.32 -0.57
C GLY A 439 -12.39 -15.98 0.83
N GLY A 440 -13.09 -14.88 0.94
CA GLY A 440 -13.66 -14.46 2.23
C GLY A 440 -13.01 -13.22 2.82
N SER A 441 -11.74 -13.00 2.46
CA SER A 441 -10.95 -11.87 3.00
C SER A 441 -11.62 -10.54 2.71
N GLY A 442 -11.99 -10.38 1.45
CA GLY A 442 -12.66 -9.18 0.97
C GLY A 442 -13.99 -8.92 1.67
N ASP A 443 -14.72 -9.96 1.92
CA ASP A 443 -16.02 -9.85 2.52
C ASP A 443 -15.83 -9.24 3.92
N VAL A 444 -14.82 -9.70 4.65
CA VAL A 444 -14.53 -9.12 5.96
C VAL A 444 -14.25 -7.64 5.85
N LEU A 445 -13.37 -7.24 4.93
CA LEU A 445 -12.97 -5.86 4.82
C LEU A 445 -14.22 -4.96 4.55
N THR A 446 -15.13 -5.42 3.70
CA THR A 446 -16.36 -4.66 3.44
C THR A 446 -17.16 -4.29 4.67
N GLY A 447 -17.32 -5.28 5.55
CA GLY A 447 -17.98 -5.06 6.81
C GLY A 447 -17.23 -4.09 7.71
N MET A 448 -15.90 -4.22 7.77
CA MET A 448 -15.05 -3.28 8.55
C MET A 448 -15.23 -1.83 8.14
N ILE A 449 -15.18 -1.61 6.84
CA ILE A 449 -15.37 -0.25 6.31
C ILE A 449 -16.76 0.30 6.69
N ALA A 450 -17.82 -0.47 6.42
CA ALA A 450 -19.20 -0.05 6.74
C ALA A 450 -19.29 0.27 8.20
N GLY A 451 -18.69 -0.58 9.04
CA GLY A 451 -18.68 -0.42 10.50
C GLY A 451 -18.06 0.89 10.95
N PHE A 452 -16.92 1.22 10.38
CA PHE A 452 -16.27 2.42 10.79
C PHE A 452 -17.05 3.64 10.30
N ILE A 453 -17.67 3.54 9.13
CA ILE A 453 -18.50 4.64 8.69
C ILE A 453 -19.66 4.85 9.67
N ALA A 454 -20.30 3.77 10.09
CA ALA A 454 -21.40 3.85 11.00
C ALA A 454 -21.00 4.53 12.36
N GLN A 455 -19.75 4.31 12.77
CA GLN A 455 -19.24 4.86 14.00
C GLN A 455 -18.85 6.34 13.85
N GLY A 456 -18.90 6.91 12.64
CA GLY A 456 -18.73 8.34 12.47
C GLY A 456 -17.51 8.74 11.67
N LEU A 457 -16.72 7.79 11.16
CA LEU A 457 -15.58 8.17 10.35
C LEU A 457 -16.08 8.47 8.92
N SER A 458 -15.42 9.41 8.26
CA SER A 458 -15.67 9.71 6.85
C SER A 458 -15.40 8.44 6.05
N PRO A 459 -16.03 8.28 4.89
CA PRO A 459 -15.69 7.13 4.00
C PRO A 459 -14.18 6.93 3.73
N LEU A 460 -13.43 8.01 3.56
CA LEU A 460 -12.01 7.90 3.31
C LEU A 460 -11.32 7.44 4.61
N GLU A 461 -11.70 8.02 5.75
CA GLU A 461 -11.09 7.62 7.03
C GLU A 461 -11.39 6.17 7.33
N ALA A 462 -12.64 5.79 7.16
CA ALA A 462 -13.09 4.43 7.43
C ALA A 462 -12.28 3.43 6.59
N SER A 463 -12.06 3.78 5.30
CA SER A 463 -11.32 2.91 4.39
C SER A 463 -9.84 2.79 4.79
N THR A 464 -9.27 3.89 5.27
CA THR A 464 -7.85 3.96 5.63
C THR A 464 -7.59 3.07 6.83
N VAL A 465 -8.43 3.24 7.85
CA VAL A 465 -8.34 2.47 9.10
C VAL A 465 -8.61 1.00 8.82
N SER A 466 -9.60 0.70 7.96
CA SER A 466 -10.02 -0.70 7.78
C SER A 466 -8.96 -1.50 7.01
N VAL A 467 -8.38 -0.91 5.96
CA VAL A 467 -7.36 -1.63 5.18
C VAL A 467 -6.15 -1.92 6.03
N TYR A 468 -5.77 -0.98 6.87
CA TYR A 468 -4.59 -1.18 7.72
C TYR A 468 -4.84 -2.32 8.73
N LEU A 469 -5.95 -2.22 9.44
CA LEU A 469 -6.27 -3.21 10.53
C LEU A 469 -6.53 -4.61 9.98
N HIS A 470 -7.14 -4.68 8.82
CA HIS A 470 -7.44 -5.98 8.10
C HIS A 470 -6.12 -6.69 7.80
N GLY A 471 -5.15 -5.95 7.25
CA GLY A 471 -3.84 -6.55 6.98
C GLY A 471 -3.08 -6.85 8.25
N PHE A 472 -3.15 -5.96 9.23
CA PHE A 472 -2.45 -6.18 10.49
C PHE A 472 -3.00 -7.41 11.25
N ALA A 473 -4.32 -7.58 11.24
CA ALA A 473 -4.92 -8.78 11.85
C ALA A 473 -4.35 -10.10 11.22
N ALA A 474 -4.16 -10.09 9.91
CA ALA A 474 -3.60 -11.21 9.17
C ALA A 474 -2.18 -11.51 9.66
N GLU A 475 -1.38 -10.47 9.89
CA GLU A 475 -0.01 -10.65 10.35
C GLU A 475 0.05 -11.21 11.76
N LEU A 476 -1.05 -11.11 12.50
CA LEU A 476 -1.07 -11.59 13.86
C LEU A 476 -1.42 -13.06 13.96
N PHE A 477 -1.73 -13.69 12.83
CA PHE A 477 -2.05 -15.09 12.85
C PHE A 477 -0.83 -15.84 13.36
N GLU A 478 -1.06 -16.70 14.32
CA GLU A 478 -0.02 -17.48 14.98
C GLU A 478 0.73 -18.53 14.15
N GLN A 479 0.03 -19.22 13.28
CA GLN A 479 0.62 -20.27 12.47
C GLN A 479 1.02 -19.80 11.06
N ASP A 480 1.29 -20.73 10.14
CA ASP A 480 1.67 -20.32 8.81
C ASP A 480 0.55 -19.58 8.12
N GLU A 481 0.91 -18.49 7.47
CA GLU A 481 -0.07 -17.54 6.93
C GLU A 481 -0.89 -18.19 5.87
N ARG A 482 -0.38 -19.20 5.21
CA ARG A 482 -1.19 -19.77 4.15
C ARG A 482 -2.42 -20.53 4.66
N GLY A 483 -2.45 -20.88 5.93
CA GLY A 483 -3.57 -21.51 6.54
C GLY A 483 -4.59 -20.56 7.13
N LEU A 484 -4.33 -19.25 7.06
CA LEU A 484 -5.27 -18.27 7.59
C LEU A 484 -6.54 -18.36 6.81
N THR A 485 -7.68 -18.35 7.49
CA THR A 485 -8.95 -18.23 6.84
C THR A 485 -9.67 -17.03 7.42
N ALA A 486 -10.71 -16.57 6.69
CA ALA A 486 -11.53 -15.41 7.08
C ALA A 486 -12.10 -15.47 8.50
N SER A 487 -12.53 -16.65 8.93
CA SER A 487 -13.08 -16.85 10.26
C SER A 487 -12.00 -16.55 11.31
N GLU A 488 -10.75 -16.92 11.03
CA GLU A 488 -9.68 -16.72 11.96
C GLU A 488 -9.28 -15.24 11.91
N LEU A 489 -9.37 -14.66 10.73
CA LEU A 489 -9.10 -13.25 10.57
C LEU A 489 -10.00 -12.41 11.48
N LEU A 490 -11.29 -12.75 11.48
CA LEU A 490 -12.27 -12.07 12.31
C LEU A 490 -11.89 -12.08 13.79
N ARG A 491 -11.43 -13.23 14.27
CA ARG A 491 -11.05 -13.43 15.69
C ARG A 491 -9.84 -12.58 16.00
N LEU A 492 -9.00 -12.27 15.01
CA LEU A 492 -7.81 -11.49 15.22
C LEU A 492 -7.98 -9.96 15.19
N ILE A 493 -9.07 -9.48 14.60
CA ILE A 493 -9.33 -8.06 14.52
C ILE A 493 -9.23 -7.33 15.89
N PRO A 494 -9.87 -7.84 16.95
CA PRO A 494 -9.80 -7.06 18.20
C PRO A 494 -8.39 -7.05 18.84
N GLU A 495 -7.56 -8.05 18.54
CA GLU A 495 -6.18 -8.02 18.96
C GLU A 495 -5.38 -6.99 18.13
N ALA A 496 -5.62 -6.93 16.84
CA ALA A 496 -5.04 -5.83 16.03
C ALA A 496 -5.39 -4.43 16.61
N ILE A 497 -6.64 -4.23 16.95
CA ILE A 497 -7.11 -2.96 17.51
C ILE A 497 -6.36 -2.69 18.82
N ARG A 498 -6.25 -3.70 19.68
CA ARG A 498 -5.53 -3.50 20.95
C ARG A 498 -4.07 -3.14 20.70
N ARG A 499 -3.40 -3.86 19.79
CA ARG A 499 -1.97 -3.61 19.54
C ARG A 499 -1.73 -2.23 18.91
N LEU A 500 -2.74 -1.70 18.25
CA LEU A 500 -2.62 -0.39 17.62
C LEU A 500 -2.51 0.72 18.67
N LYS A 501 -3.02 0.49 19.89
CA LYS A 501 -2.90 1.45 21.01
C LYS A 501 -2.44 0.79 22.31
N ALA B 1 10.87 6.25 20.84
CA ALA B 1 12.05 5.65 20.14
C ALA B 1 12.65 6.72 19.20
N PRO B 2 14.00 6.97 19.29
CA PRO B 2 14.60 8.11 18.55
C PRO B 2 14.61 8.04 16.97
N ALA B 3 14.11 9.08 16.34
CA ALA B 3 13.79 9.03 14.92
C ALA B 3 14.20 10.29 14.18
N TRP B 4 15.23 11.02 14.68
CA TRP B 4 15.67 12.24 13.97
C TRP B 4 16.19 11.90 12.57
N LEU B 5 16.97 10.83 12.44
CA LEU B 5 17.62 10.48 11.17
C LEU B 5 16.76 9.54 10.28
N PHE B 6 16.23 8.48 10.89
CA PHE B 6 15.53 7.43 10.17
C PHE B 6 14.08 7.30 10.58
N GLU B 7 13.21 7.19 9.57
CA GLU B 7 11.87 6.57 9.68
C GLU B 7 11.91 5.14 9.06
N ALA B 8 11.26 4.17 9.72
CA ALA B 8 11.32 2.75 9.29
C ALA B 8 10.20 2.45 8.32
#